data_1Q6F
#
_entry.id   1Q6F
#
_cell.length_a   86.818
_cell.length_b   86.818
_cell.length_c   145.240
_cell.angle_alpha   90.00
_cell.angle_beta   90.00
_cell.angle_gamma   120.00
#
_symmetry.space_group_name_H-M   'P 31 2 1'
#
loop_
_entity.id
_entity.type
_entity.pdbx_description
1 polymer beta-amylase
2 branched beta-D-glucopyranose-(1-4)-beta-D-glucopyranose
3 branched alpha-D-glucopyranose-(1-4)-beta-D-glucopyranose
4 non-polymer 'SULFATE ION'
5 water water
#
_entity_poly.entity_id   1
_entity_poly.type   'polypeptide(L)'
_entity_poly.pdbx_seq_one_letter_code
;ATSDSNMLLNYVPVYVMLPLGVVNVDNVFEDPDGLKEQLLQLRAAGVDGVMVDVWWGIIELKGPKQYDWRAYRSLLQLVQ
ECGLTLQAIMSFHQCGGNVGDIVNIPIPQWVLDIGESNHDIFYTNRSGTRNKEYLTVGVDNEPIFHGRTAIEIYSDYMKS
FRENMSDFLESGLIIDIYVGLGPAGELRYPSYPQSQGWEFPGIGEFQCYDKYLKADFKAAVARAGHPEWELPDDAGKYND
VPESTGFFKSNGTYVTEKGKFFLTWYSNKLLNHGDQILDEANKAFLGCKVKLAIKVSGIHWWYKVENHAAELTAGYYNLN
DRDGYRPIARMLSRHHAILNFTCLEMRDSEQPSDAKSGPQELVQQVLSGGWREDIRVAGENALPRYDATAYNQIILNARP
QGVNNNGPPKLSMFGVTYLRLSDDLLQKSNFNIFKKFVLKMHADQDYCANPQKYNHAITPLKPSAPKIPIEVLLEATKPT
LPFPWLPETDMKVDG
;
_entity_poly.pdbx_strand_id   A
#
loop_
_chem_comp.id
_chem_comp.type
_chem_comp.name
_chem_comp.formula
BGC D-saccharide, beta linking beta-D-glucopyranose 'C6 H12 O6'
GLC D-saccharide, alpha linking alpha-D-glucopyranose 'C6 H12 O6'
SO4 non-polymer 'SULFATE ION' 'O4 S -2'
#
# COMPACT_ATOMS: atom_id res chain seq x y z
N ASN A 6 26.59 -18.51 4.00
CA ASN A 6 27.18 -17.32 3.33
C ASN A 6 26.36 -16.06 3.58
N MET A 7 27.04 -14.93 3.80
CA MET A 7 26.41 -13.65 4.06
C MET A 7 25.32 -13.27 3.05
N LEU A 8 25.52 -13.65 1.80
CA LEU A 8 24.58 -13.34 0.74
C LEU A 8 23.14 -13.70 1.10
N LEU A 9 22.97 -14.66 1.99
CA LEU A 9 21.65 -15.09 2.43
C LEU A 9 20.96 -14.01 3.27
N ASN A 10 21.74 -13.06 3.77
CA ASN A 10 21.20 -11.97 4.59
C ASN A 10 20.88 -10.74 3.74
N TYR A 11 21.12 -10.86 2.43
CA TYR A 11 20.89 -9.78 1.47
C TYR A 11 19.42 -9.41 1.25
N VAL A 12 19.09 -8.14 1.47
CA VAL A 12 17.71 -7.66 1.26
C VAL A 12 17.76 -6.63 0.13
N PRO A 13 17.02 -6.88 -0.96
CA PRO A 13 17.02 -5.94 -2.09
C PRO A 13 16.45 -4.55 -1.83
N VAL A 14 16.99 -3.56 -2.53
CA VAL A 14 16.56 -2.17 -2.41
C VAL A 14 16.07 -1.62 -3.74
N TYR A 15 14.87 -1.04 -3.72
CA TYR A 15 14.25 -0.45 -4.92
C TYR A 15 14.05 1.05 -4.70
N VAL A 16 13.90 1.79 -5.79
CA VAL A 16 13.68 3.23 -5.71
C VAL A 16 12.49 3.65 -6.56
N MET A 17 11.63 4.48 -5.98
CA MET A 17 10.46 4.96 -6.70
C MET A 17 10.88 6.03 -7.71
N LEU A 18 10.35 5.93 -8.92
CA LEU A 18 10.64 6.91 -9.96
C LEU A 18 9.78 8.14 -9.66
N PRO A 19 10.14 9.30 -10.23
CA PRO A 19 9.37 10.53 -9.99
C PRO A 19 7.91 10.36 -10.40
N LEU A 20 7.02 11.08 -9.72
CA LEU A 20 5.60 11.03 -10.06
C LEU A 20 5.45 11.83 -11.35
N GLY A 21 4.80 11.26 -12.35
CA GLY A 21 4.62 11.99 -13.60
C GLY A 21 5.70 11.78 -14.64
N VAL A 22 6.55 10.77 -14.46
CA VAL A 22 7.61 10.50 -15.44
C VAL A 22 6.99 10.40 -16.83
N VAL A 23 5.72 10.02 -16.92
CA VAL A 23 5.01 10.02 -18.19
C VAL A 23 3.80 10.90 -17.83
N ASN A 24 3.70 12.05 -18.48
CA ASN A 24 2.64 13.02 -18.16
C ASN A 24 1.21 12.61 -18.49
N VAL A 25 0.28 13.44 -18.04
CA VAL A 25 -1.15 13.22 -18.22
C VAL A 25 -1.57 13.20 -19.69
N ASP A 26 -0.67 13.63 -20.56
CA ASP A 26 -0.97 13.61 -21.99
C ASP A 26 -0.45 12.31 -22.60
N ASN A 27 0.02 11.41 -21.72
CA ASN A 27 0.57 10.11 -22.10
C ASN A 27 1.81 10.26 -22.98
N VAL A 28 2.76 11.07 -22.49
CA VAL A 28 4.01 11.30 -23.20
C VAL A 28 5.19 11.13 -22.24
N PHE A 29 6.17 10.33 -22.63
CA PHE A 29 7.36 10.11 -21.80
C PHE A 29 8.26 11.31 -22.07
N GLU A 30 8.09 12.34 -21.24
CA GLU A 30 8.80 13.62 -21.37
C GLU A 30 10.32 13.71 -21.45
N ASP A 31 11.02 13.30 -20.40
CA ASP A 31 12.47 13.45 -20.39
C ASP A 31 13.29 12.17 -20.27
N PRO A 32 13.38 11.40 -21.37
CA PRO A 32 14.15 10.15 -21.39
C PRO A 32 15.62 10.36 -21.04
N ASP A 33 16.25 11.36 -21.67
CA ASP A 33 17.65 11.64 -21.43
C ASP A 33 17.91 11.98 -19.98
N GLY A 34 17.06 12.83 -19.41
CA GLY A 34 17.22 13.21 -18.02
C GLY A 34 17.09 12.01 -17.10
N LEU A 35 16.09 11.19 -17.35
CA LEU A 35 15.87 10.01 -16.52
C LEU A 35 17.02 9.03 -16.69
N LYS A 36 17.50 8.87 -17.92
CA LYS A 36 18.59 7.94 -18.15
C LYS A 36 19.79 8.22 -17.26
N GLU A 37 20.22 9.48 -17.21
CA GLU A 37 21.36 9.84 -16.36
C GLU A 37 21.11 9.47 -14.90
N GLN A 38 19.93 9.81 -14.39
CA GLN A 38 19.59 9.47 -13.01
C GLN A 38 19.61 7.95 -12.80
N LEU A 39 18.97 7.22 -13.71
CA LEU A 39 18.91 5.77 -13.61
C LEU A 39 20.31 5.12 -13.60
N LEU A 40 21.21 5.62 -14.44
CA LEU A 40 22.56 5.08 -14.49
C LEU A 40 23.30 5.31 -13.18
N GLN A 41 22.98 6.39 -12.48
CA GLN A 41 23.63 6.65 -11.20
C GLN A 41 23.10 5.67 -10.17
N LEU A 42 21.82 5.30 -10.31
CA LEU A 42 21.22 4.35 -9.39
C LEU A 42 21.90 3.00 -9.61
N ARG A 43 22.10 2.64 -10.87
CA ARG A 43 22.75 1.39 -11.24
C ARG A 43 24.15 1.32 -10.61
N ALA A 44 24.89 2.42 -10.65
CA ALA A 44 26.25 2.43 -10.08
C ALA A 44 26.26 2.35 -8.56
N ALA A 45 25.19 2.80 -7.93
CA ALA A 45 25.08 2.77 -6.47
C ALA A 45 24.72 1.38 -5.96
N GLY A 46 24.36 0.48 -6.87
CA GLY A 46 24.01 -0.88 -6.47
C GLY A 46 22.54 -1.16 -6.25
N VAL A 47 21.69 -0.22 -6.60
CA VAL A 47 20.25 -0.39 -6.43
C VAL A 47 19.76 -1.55 -7.30
N ASP A 48 18.92 -2.41 -6.72
CA ASP A 48 18.40 -3.58 -7.44
C ASP A 48 17.33 -3.27 -8.48
N GLY A 49 16.45 -2.32 -8.19
CA GLY A 49 15.40 -1.98 -9.15
C GLY A 49 14.65 -0.69 -8.84
N VAL A 50 13.61 -0.41 -9.62
CA VAL A 50 12.80 0.79 -9.43
C VAL A 50 11.30 0.47 -9.43
N MET A 51 10.51 1.36 -8.84
CA MET A 51 9.04 1.21 -8.76
C MET A 51 8.37 2.36 -9.51
N VAL A 52 7.30 2.07 -10.24
CA VAL A 52 6.60 3.12 -10.98
C VAL A 52 5.08 2.95 -11.05
N ASP A 53 4.37 4.08 -11.06
CA ASP A 53 2.92 4.08 -11.16
C ASP A 53 2.50 3.93 -12.62
N VAL A 54 1.60 3.00 -12.91
CA VAL A 54 1.08 2.86 -14.27
C VAL A 54 -0.36 3.37 -14.11
N TRP A 55 -0.52 4.68 -14.28
CA TRP A 55 -1.79 5.38 -14.11
C TRP A 55 -2.97 5.05 -15.02
N TRP A 56 -4.04 4.57 -14.40
CA TRP A 56 -5.27 4.22 -15.09
C TRP A 56 -5.83 5.46 -15.81
N GLY A 57 -5.73 6.61 -15.16
CA GLY A 57 -6.23 7.86 -15.73
C GLY A 57 -5.50 8.31 -16.97
N ILE A 58 -4.30 7.78 -17.21
CA ILE A 58 -3.55 8.15 -18.39
C ILE A 58 -3.76 7.15 -19.54
N ILE A 59 -3.67 5.85 -19.23
CA ILE A 59 -3.82 4.80 -20.23
C ILE A 59 -5.22 4.60 -20.84
N GLU A 60 -6.26 4.61 -20.01
CA GLU A 60 -7.62 4.41 -20.53
C GLU A 60 -8.43 5.71 -20.51
N LEU A 61 -7.77 6.80 -20.88
CA LEU A 61 -8.38 8.14 -20.89
C LEU A 61 -9.47 8.37 -21.93
N LYS A 62 -9.17 8.08 -23.19
CA LYS A 62 -10.09 8.27 -24.31
C LYS A 62 -11.49 7.66 -24.14
N GLY A 63 -11.58 6.44 -23.62
CA GLY A 63 -12.87 5.80 -23.44
C GLY A 63 -12.74 4.36 -23.01
N PRO A 64 -13.87 3.65 -22.77
CA PRO A 64 -13.82 2.24 -22.34
C PRO A 64 -12.98 1.36 -23.27
N LYS A 65 -11.95 0.76 -22.69
CA LYS A 65 -11.05 -0.13 -23.42
C LYS A 65 -10.24 0.55 -24.52
N GLN A 66 -10.06 1.86 -24.39
CA GLN A 66 -9.28 2.64 -25.34
C GLN A 66 -7.89 2.80 -24.73
N TYR A 67 -7.14 1.70 -24.63
CA TYR A 67 -5.81 1.75 -24.04
C TYR A 67 -4.72 2.19 -24.99
N ASP A 68 -3.78 2.97 -24.47
CA ASP A 68 -2.63 3.41 -25.23
C ASP A 68 -1.43 3.13 -24.31
N TRP A 69 -0.68 2.08 -24.64
CA TRP A 69 0.46 1.68 -23.84
C TRP A 69 1.82 2.17 -24.36
N ARG A 70 1.81 2.89 -25.48
CA ARG A 70 3.07 3.34 -26.09
C ARG A 70 4.11 4.03 -25.21
N ALA A 71 3.74 5.12 -24.54
CA ALA A 71 4.69 5.82 -23.69
C ALA A 71 5.27 4.91 -22.60
N TYR A 72 4.44 4.08 -21.99
CA TYR A 72 4.95 3.18 -20.95
C TYR A 72 5.89 2.11 -21.53
N ARG A 73 5.71 1.73 -22.78
CA ARG A 73 6.61 0.74 -23.37
C ARG A 73 8.00 1.37 -23.50
N SER A 74 8.04 2.65 -23.88
CA SER A 74 9.32 3.34 -24.02
C SER A 74 10.04 3.45 -22.68
N LEU A 75 9.28 3.67 -21.61
CA LEU A 75 9.85 3.79 -20.27
C LEU A 75 10.44 2.44 -19.83
N LEU A 76 9.67 1.37 -20.01
CA LEU A 76 10.15 0.04 -19.65
C LEU A 76 11.39 -0.33 -20.43
N GLN A 77 11.45 0.09 -21.68
CA GLN A 77 12.60 -0.20 -22.54
C GLN A 77 13.86 0.44 -21.94
N LEU A 78 13.75 1.71 -21.55
CA LEU A 78 14.88 2.42 -20.95
C LEU A 78 15.33 1.77 -19.64
N VAL A 79 14.38 1.44 -18.77
CA VAL A 79 14.72 0.83 -17.49
C VAL A 79 15.50 -0.46 -17.73
N GLN A 80 15.07 -1.24 -18.70
CA GLN A 80 15.74 -2.50 -19.02
C GLN A 80 17.15 -2.25 -19.54
N GLU A 81 17.34 -1.19 -20.32
CA GLU A 81 18.66 -0.87 -20.87
C GLU A 81 19.64 -0.47 -19.77
N CYS A 82 19.11 0.08 -18.67
CA CYS A 82 19.95 0.51 -17.57
C CYS A 82 20.24 -0.60 -16.54
N GLY A 83 19.82 -1.81 -16.85
CA GLY A 83 20.07 -2.94 -15.97
C GLY A 83 19.36 -2.95 -14.63
N LEU A 84 18.11 -2.54 -14.61
CA LEU A 84 17.32 -2.49 -13.38
C LEU A 84 16.04 -3.30 -13.57
N THR A 85 15.51 -3.85 -12.47
CA THR A 85 14.27 -4.61 -12.54
C THR A 85 13.15 -3.63 -12.21
N LEU A 86 11.90 -4.03 -12.42
CA LEU A 86 10.77 -3.13 -12.17
C LEU A 86 9.61 -3.68 -11.36
N GLN A 87 9.10 -2.85 -10.46
CA GLN A 87 7.93 -3.16 -9.65
C GLN A 87 6.87 -2.22 -10.26
N ALA A 88 5.85 -2.80 -10.89
CA ALA A 88 4.82 -1.99 -11.54
C ALA A 88 3.53 -1.94 -10.74
N ILE A 89 3.04 -0.72 -10.51
CA ILE A 89 1.81 -0.52 -9.76
C ILE A 89 0.63 -0.28 -10.70
N MET A 90 -0.43 -1.06 -10.53
CA MET A 90 -1.64 -0.87 -11.33
C MET A 90 -2.34 0.23 -10.53
N SER A 91 -2.02 1.48 -10.86
CA SER A 91 -2.56 2.63 -10.16
C SER A 91 -3.95 3.06 -10.62
N PHE A 92 -4.98 2.56 -9.91
CA PHE A 92 -6.35 2.90 -10.26
C PHE A 92 -6.84 4.09 -9.45
N HIS A 93 -5.92 4.91 -8.95
CA HIS A 93 -6.27 6.07 -8.16
C HIS A 93 -5.75 7.37 -8.76
N GLN A 94 -6.21 8.47 -8.20
CA GLN A 94 -5.81 9.80 -8.65
C GLN A 94 -4.56 10.32 -7.93
N CYS A 95 -3.70 11.00 -8.66
CA CYS A 95 -2.51 11.58 -8.04
C CYS A 95 -2.81 13.07 -7.88
N GLY A 96 -2.57 13.61 -6.69
CA GLY A 96 -2.82 15.03 -6.50
C GLY A 96 -3.28 15.50 -5.13
N GLY A 97 -4.15 14.74 -4.48
CA GLY A 97 -4.66 15.17 -3.18
C GLY A 97 -3.98 14.65 -1.92
N ASN A 98 -2.89 13.91 -2.07
CA ASN A 98 -2.21 13.37 -0.91
C ASN A 98 -0.82 13.97 -0.73
N VAL A 99 -0.22 13.78 0.44
CA VAL A 99 1.09 14.33 0.76
C VAL A 99 2.16 13.95 -0.26
N GLY A 100 2.86 14.95 -0.78
CA GLY A 100 3.91 14.71 -1.74
C GLY A 100 3.47 14.73 -3.20
N ASP A 101 2.16 14.64 -3.43
CA ASP A 101 1.64 14.64 -4.80
C ASP A 101 1.86 16.02 -5.43
N ILE A 102 2.89 16.12 -6.26
CA ILE A 102 3.23 17.37 -6.93
C ILE A 102 2.67 17.48 -8.35
N VAL A 103 1.88 16.50 -8.75
CA VAL A 103 1.28 16.49 -10.08
C VAL A 103 -0.16 15.99 -10.00
N ASN A 104 -1.01 16.46 -10.91
CA ASN A 104 -2.40 16.05 -10.92
C ASN A 104 -2.74 15.06 -12.02
N ILE A 105 -3.11 13.86 -11.61
CA ILE A 105 -3.48 12.80 -12.55
C ILE A 105 -4.81 12.19 -12.10
N PRO A 106 -5.92 12.64 -12.70
CA PRO A 106 -7.25 12.14 -12.36
C PRO A 106 -7.50 10.75 -12.92
N ILE A 107 -8.59 10.13 -12.50
CA ILE A 107 -8.93 8.82 -13.03
C ILE A 107 -9.53 9.16 -14.40
N PRO A 108 -9.77 8.17 -15.26
CA PRO A 108 -10.33 8.45 -16.59
C PRO A 108 -11.50 9.43 -16.62
N GLN A 109 -11.42 10.39 -17.53
CA GLN A 109 -12.45 11.41 -17.69
C GLN A 109 -13.83 10.81 -17.95
N TRP A 110 -13.89 9.72 -18.72
CA TRP A 110 -15.18 9.11 -19.00
C TRP A 110 -15.85 8.55 -17.75
N VAL A 111 -15.06 8.14 -16.78
CA VAL A 111 -15.62 7.62 -15.53
C VAL A 111 -16.14 8.82 -14.74
N LEU A 112 -15.41 9.93 -14.82
CA LEU A 112 -15.81 11.17 -14.15
C LEU A 112 -17.13 11.67 -14.74
N ASP A 113 -17.32 11.48 -16.04
CA ASP A 113 -18.56 11.90 -16.68
C ASP A 113 -19.74 11.14 -16.09
N ILE A 114 -19.54 9.86 -15.79
CA ILE A 114 -20.62 9.07 -15.20
C ILE A 114 -20.88 9.58 -13.79
N GLY A 115 -19.83 9.96 -13.09
CA GLY A 115 -19.97 10.47 -11.73
C GLY A 115 -20.77 11.76 -11.66
N GLU A 116 -20.91 12.44 -12.79
CA GLU A 116 -21.67 13.69 -12.85
C GLU A 116 -23.17 13.42 -12.67
N SER A 117 -23.64 12.31 -13.23
CA SER A 117 -25.04 11.96 -13.14
C SER A 117 -25.31 10.92 -12.05
N ASN A 118 -24.26 10.49 -11.37
CA ASN A 118 -24.38 9.53 -10.27
C ASN A 118 -23.19 9.76 -9.36
N HIS A 119 -23.34 10.71 -8.44
CA HIS A 119 -22.29 11.07 -7.50
C HIS A 119 -21.96 9.97 -6.50
N ASP A 120 -22.81 8.96 -6.42
CA ASP A 120 -22.60 7.89 -5.46
C ASP A 120 -21.55 6.86 -5.82
N ILE A 121 -20.80 7.12 -6.89
CA ILE A 121 -19.74 6.18 -7.27
C ILE A 121 -18.47 6.57 -6.52
N PHE A 122 -18.51 7.70 -5.82
CA PHE A 122 -17.36 8.20 -5.06
C PHE A 122 -17.52 8.03 -3.55
N TYR A 123 -16.40 7.89 -2.85
CA TYR A 123 -16.45 7.78 -1.39
C TYR A 123 -17.08 9.07 -0.88
N THR A 124 -17.97 8.95 0.10
CA THR A 124 -18.69 10.10 0.64
C THR A 124 -18.69 10.14 2.16
N ASN A 125 -18.46 11.33 2.72
CA ASN A 125 -18.47 11.45 4.17
C ASN A 125 -19.87 11.85 4.65
N ARG A 126 -20.07 11.84 5.96
CA ARG A 126 -21.37 12.16 6.53
C ARG A 126 -21.93 13.52 6.09
N SER A 127 -21.04 14.45 5.71
CA SER A 127 -21.48 15.77 5.28
C SER A 127 -21.91 15.82 3.81
N GLY A 128 -21.70 14.74 3.08
CA GLY A 128 -22.09 14.70 1.68
C GLY A 128 -21.01 15.06 0.68
N THR A 129 -19.79 15.35 1.14
CA THR A 129 -18.69 15.67 0.24
C THR A 129 -18.22 14.41 -0.50
N ARG A 130 -18.10 14.49 -1.82
CA ARG A 130 -17.67 13.33 -2.60
C ARG A 130 -16.19 13.45 -2.92
N ASN A 131 -15.43 12.40 -2.66
CA ASN A 131 -13.99 12.36 -2.94
C ASN A 131 -13.85 11.65 -4.28
N LYS A 132 -13.19 12.28 -5.23
CA LYS A 132 -13.05 11.69 -6.55
C LYS A 132 -11.72 10.99 -6.86
N GLU A 133 -10.94 10.68 -5.84
CA GLU A 133 -9.66 10.04 -6.09
C GLU A 133 -9.73 8.53 -6.29
N TYR A 134 -10.84 7.90 -5.89
CA TYR A 134 -11.02 6.45 -6.03
C TYR A 134 -12.50 6.05 -6.01
N LEU A 135 -12.83 4.98 -6.72
CA LEU A 135 -14.21 4.48 -6.79
C LEU A 135 -14.59 3.72 -5.53
N THR A 136 -15.70 4.09 -4.91
CA THR A 136 -16.15 3.41 -3.70
C THR A 136 -16.26 1.90 -3.88
N VAL A 137 -15.97 1.16 -2.82
CA VAL A 137 -16.06 -0.30 -2.85
C VAL A 137 -17.51 -0.68 -3.10
N GLY A 138 -18.42 0.26 -2.88
CA GLY A 138 -19.84 0.00 -3.09
C GLY A 138 -20.23 -0.33 -4.53
N VAL A 139 -19.43 0.11 -5.50
CA VAL A 139 -19.77 -0.18 -6.88
C VAL A 139 -18.86 -1.23 -7.51
N ASP A 140 -18.13 -1.96 -6.67
CA ASP A 140 -17.24 -3.02 -7.15
C ASP A 140 -17.95 -3.94 -8.13
N ASN A 141 -19.17 -4.33 -7.79
CA ASN A 141 -19.96 -5.24 -8.62
C ASN A 141 -21.26 -4.66 -9.20
N GLU A 142 -21.30 -3.36 -9.41
CA GLU A 142 -22.45 -2.70 -10.00
C GLU A 142 -22.11 -2.45 -11.47
N PRO A 143 -22.90 -3.03 -12.40
CA PRO A 143 -22.66 -2.88 -13.84
C PRO A 143 -23.14 -1.54 -14.38
N ILE A 144 -22.65 -0.45 -13.81
CA ILE A 144 -23.07 0.88 -14.21
C ILE A 144 -22.07 1.67 -15.06
N PHE A 145 -20.93 1.06 -15.40
CA PHE A 145 -19.93 1.75 -16.21
C PHE A 145 -19.98 1.25 -17.64
N HIS A 146 -20.97 1.75 -18.38
CA HIS A 146 -21.17 1.35 -19.77
C HIS A 146 -21.19 -0.18 -19.89
N GLY A 147 -21.92 -0.81 -18.98
CA GLY A 147 -22.03 -2.26 -19.01
C GLY A 147 -21.09 -3.04 -18.09
N ARG A 148 -19.97 -2.45 -17.70
CA ARG A 148 -19.02 -3.12 -16.82
C ARG A 148 -19.12 -2.70 -15.35
N THR A 149 -18.62 -3.57 -14.47
CA THR A 149 -18.60 -3.26 -13.04
C THR A 149 -17.19 -2.70 -12.82
N ALA A 150 -16.96 -2.10 -11.66
CA ALA A 150 -15.65 -1.54 -11.36
C ALA A 150 -14.56 -2.61 -11.38
N ILE A 151 -14.84 -3.75 -10.76
CA ILE A 151 -13.88 -4.84 -10.72
C ILE A 151 -13.56 -5.34 -12.14
N GLU A 152 -14.56 -5.34 -13.02
CA GLU A 152 -14.33 -5.78 -14.40
C GLU A 152 -13.40 -4.81 -15.13
N ILE A 153 -13.50 -3.53 -14.79
CA ILE A 153 -12.67 -2.51 -15.39
C ILE A 153 -11.22 -2.73 -14.99
N TYR A 154 -10.98 -3.02 -13.71
CA TYR A 154 -9.64 -3.26 -13.21
C TYR A 154 -9.09 -4.53 -13.82
N SER A 155 -9.96 -5.53 -13.95
CA SER A 155 -9.59 -6.82 -14.52
C SER A 155 -9.14 -6.67 -15.98
N ASP A 156 -9.96 -6.03 -16.81
CA ASP A 156 -9.62 -5.84 -18.22
C ASP A 156 -8.31 -5.04 -18.36
N TYR A 157 -8.11 -4.07 -17.48
CA TYR A 157 -6.91 -3.23 -17.51
C TYR A 157 -5.66 -4.07 -17.30
N MET A 158 -5.69 -4.95 -16.30
CA MET A 158 -4.54 -5.79 -16.01
C MET A 158 -4.26 -6.82 -17.11
N LYS A 159 -5.32 -7.38 -17.69
CA LYS A 159 -5.15 -8.35 -18.77
C LYS A 159 -4.47 -7.68 -19.96
N SER A 160 -4.93 -6.48 -20.30
CA SER A 160 -4.36 -5.72 -21.42
C SER A 160 -2.89 -5.42 -21.12
N PHE A 161 -2.58 -5.06 -19.88
CA PHE A 161 -1.21 -4.77 -19.48
C PHE A 161 -0.36 -6.01 -19.72
N ARG A 162 -0.85 -7.14 -19.23
CA ARG A 162 -0.18 -8.43 -19.36
C ARG A 162 0.13 -8.79 -20.81
N GLU A 163 -0.86 -8.64 -21.70
CA GLU A 163 -0.66 -8.99 -23.10
C GLU A 163 0.20 -8.01 -23.89
N ASN A 164 0.03 -6.71 -23.65
CA ASN A 164 0.80 -5.70 -24.36
C ASN A 164 2.24 -5.55 -23.87
N MET A 165 2.52 -6.02 -22.65
CA MET A 165 3.87 -5.94 -22.08
C MET A 165 4.45 -7.35 -21.97
N SER A 166 3.88 -8.30 -22.71
CA SER A 166 4.32 -9.70 -22.64
C SER A 166 5.83 -9.89 -22.85
N ASP A 167 6.40 -9.15 -23.80
CA ASP A 167 7.83 -9.28 -24.05
C ASP A 167 8.68 -8.85 -22.86
N PHE A 168 8.26 -7.81 -22.14
CA PHE A 168 9.02 -7.38 -20.97
C PHE A 168 8.84 -8.37 -19.81
N LEU A 169 7.65 -8.94 -19.68
CA LEU A 169 7.37 -9.92 -18.62
C LEU A 169 8.20 -11.19 -18.85
N GLU A 170 8.28 -11.64 -20.10
CA GLU A 170 9.03 -12.84 -20.42
C GLU A 170 10.53 -12.66 -20.25
N SER A 171 11.01 -11.44 -20.48
CA SER A 171 12.43 -11.14 -20.36
C SER A 171 12.88 -10.95 -18.90
N GLY A 172 11.91 -11.01 -17.98
CA GLY A 172 12.24 -10.86 -16.57
C GLY A 172 12.44 -9.44 -16.05
N LEU A 173 11.99 -8.44 -16.81
CA LEU A 173 12.14 -7.05 -16.39
C LEU A 173 11.22 -6.75 -15.20
N ILE A 174 9.96 -7.13 -15.32
CA ILE A 174 8.98 -6.88 -14.27
C ILE A 174 9.02 -7.99 -13.23
N ILE A 175 9.31 -7.59 -12.00
CA ILE A 175 9.46 -8.51 -10.88
C ILE A 175 8.24 -8.59 -9.97
N ASP A 176 7.63 -7.44 -9.69
CA ASP A 176 6.46 -7.38 -8.81
C ASP A 176 5.32 -6.64 -9.47
N ILE A 177 4.10 -7.09 -9.20
CA ILE A 177 2.91 -6.45 -9.73
C ILE A 177 2.12 -5.98 -8.52
N TYR A 178 2.14 -4.68 -8.27
CA TYR A 178 1.41 -4.08 -7.17
C TYR A 178 0.02 -3.71 -7.66
N VAL A 179 -1.01 -4.16 -6.95
CA VAL A 179 -2.36 -3.82 -7.40
C VAL A 179 -2.95 -2.75 -6.48
N GLY A 180 -3.19 -1.58 -7.06
CA GLY A 180 -3.76 -0.48 -6.29
C GLY A 180 -5.14 -0.90 -5.79
N LEU A 181 -5.43 -0.62 -4.53
CA LEU A 181 -6.70 -1.01 -3.95
C LEU A 181 -7.48 0.13 -3.32
N GLY A 182 -6.99 1.36 -3.51
CA GLY A 182 -7.67 2.51 -2.95
C GLY A 182 -6.82 3.76 -3.03
N PRO A 183 -7.12 4.78 -2.21
CA PRO A 183 -6.38 6.05 -2.18
C PRO A 183 -4.87 5.81 -2.09
N ALA A 184 -4.11 6.54 -2.88
CA ALA A 184 -2.66 6.40 -2.90
C ALA A 184 -2.27 4.95 -3.16
N GLY A 185 -3.17 4.19 -3.76
CA GLY A 185 -2.93 2.79 -4.07
C GLY A 185 -2.94 1.83 -2.90
N GLU A 186 -3.29 2.33 -1.72
CA GLU A 186 -3.33 1.51 -0.52
C GLU A 186 -4.74 0.97 -0.20
N LEU A 187 -4.80 -0.20 0.40
CA LEU A 187 -6.09 -0.80 0.77
C LEU A 187 -6.60 -0.11 2.03
N ARG A 188 -7.36 0.96 1.84
CA ARG A 188 -7.88 1.73 2.96
C ARG A 188 -8.95 2.69 2.47
N TYR A 189 -9.66 3.30 3.40
CA TYR A 189 -10.67 4.29 3.04
C TYR A 189 -9.94 5.62 3.06
N PRO A 190 -10.45 6.62 2.33
CA PRO A 190 -9.79 7.94 2.31
C PRO A 190 -10.24 8.75 3.53
N SER A 191 -9.90 8.25 4.72
CA SER A 191 -10.30 8.89 5.97
C SER A 191 -9.57 10.19 6.35
N TYR A 192 -8.42 10.45 5.73
CA TYR A 192 -7.68 11.67 6.04
C TYR A 192 -7.31 12.46 4.79
N PRO A 193 -8.32 13.06 4.14
CA PRO A 193 -8.12 13.84 2.92
C PRO A 193 -7.64 15.27 3.15
N GLN A 194 -6.42 15.56 2.69
CA GLN A 194 -5.88 16.91 2.82
C GLN A 194 -6.78 17.86 2.03
N SER A 195 -7.27 17.38 0.89
CA SER A 195 -8.13 18.17 0.02
C SER A 195 -9.38 18.69 0.73
N GLN A 196 -9.79 18.02 1.80
CA GLN A 196 -10.98 18.45 2.53
C GLN A 196 -10.62 19.13 3.85
N GLY A 197 -9.35 19.46 4.02
CA GLY A 197 -8.93 20.15 5.23
C GLY A 197 -8.36 19.34 6.38
N TRP A 198 -8.16 18.03 6.18
CA TRP A 198 -7.60 17.23 7.26
C TRP A 198 -6.17 17.64 7.57
N GLU A 199 -5.80 17.55 8.84
CA GLU A 199 -4.46 17.91 9.28
C GLU A 199 -3.99 16.95 10.36
N PHE A 200 -2.75 16.49 10.24
CA PHE A 200 -2.17 15.60 11.24
C PHE A 200 -2.21 16.35 12.58
N PRO A 201 -2.62 15.67 13.66
CA PRO A 201 -3.03 14.27 13.72
C PRO A 201 -4.55 14.08 13.86
N GLY A 202 -5.33 14.69 12.98
CA GLY A 202 -6.77 14.54 13.05
C GLY A 202 -7.17 13.07 13.01
N ILE A 203 -8.25 12.70 13.70
CA ILE A 203 -8.69 11.32 13.73
C ILE A 203 -9.27 10.82 12.41
N GLY A 204 -9.69 11.74 11.54
CA GLY A 204 -10.26 11.35 10.27
C GLY A 204 -11.76 11.09 10.35
N GLU A 205 -12.38 10.69 9.24
CA GLU A 205 -13.81 10.41 9.21
C GLU A 205 -14.17 9.15 8.44
N PHE A 206 -15.23 8.47 8.88
CA PHE A 206 -15.70 7.27 8.22
C PHE A 206 -16.17 7.69 6.82
N GLN A 207 -15.93 6.84 5.82
CA GLN A 207 -16.29 7.15 4.44
C GLN A 207 -17.25 6.11 3.85
N CYS A 208 -18.35 5.89 4.54
CA CYS A 208 -19.34 4.90 4.11
C CYS A 208 -20.73 5.49 3.89
N TYR A 209 -20.80 6.73 3.44
CA TYR A 209 -22.10 7.36 3.24
C TYR A 209 -22.67 7.42 1.83
N ASP A 210 -22.01 6.80 0.84
CA ASP A 210 -22.58 6.82 -0.50
C ASP A 210 -23.81 5.90 -0.43
N LYS A 211 -24.75 6.09 -1.36
CA LYS A 211 -25.99 5.30 -1.33
C LYS A 211 -25.83 3.79 -1.41
N TYR A 212 -24.74 3.31 -2.02
CA TYR A 212 -24.52 1.88 -2.12
C TYR A 212 -24.08 1.25 -0.80
N LEU A 213 -23.12 1.89 -0.13
CA LEU A 213 -22.65 1.35 1.15
C LEU A 213 -23.71 1.50 2.23
N LYS A 214 -24.45 2.61 2.19
CA LYS A 214 -25.50 2.86 3.17
C LYS A 214 -26.62 1.82 3.07
N ALA A 215 -26.96 1.46 1.83
CA ALA A 215 -28.02 0.47 1.60
C ALA A 215 -27.57 -0.90 2.08
N ASP A 216 -26.30 -1.22 1.84
CA ASP A 216 -25.77 -2.51 2.26
C ASP A 216 -25.77 -2.62 3.78
N PHE A 217 -25.37 -1.52 4.44
CA PHE A 217 -25.34 -1.50 5.89
C PHE A 217 -26.73 -1.69 6.51
N LYS A 218 -27.72 -0.97 6.00
CA LYS A 218 -29.06 -1.08 6.56
C LYS A 218 -29.68 -2.46 6.34
N ALA A 219 -29.34 -3.10 5.23
CA ALA A 219 -29.86 -4.43 4.96
C ALA A 219 -29.22 -5.39 5.97
N ALA A 220 -27.92 -5.20 6.18
CA ALA A 220 -27.15 -6.03 7.10
C ALA A 220 -27.62 -5.92 8.55
N VAL A 221 -27.86 -4.70 9.03
CA VAL A 221 -28.31 -4.55 10.40
C VAL A 221 -29.71 -5.13 10.58
N ALA A 222 -30.49 -5.12 9.50
CA ALA A 222 -31.84 -5.67 9.56
C ALA A 222 -31.76 -7.18 9.71
N ARG A 223 -30.84 -7.82 8.99
CA ARG A 223 -30.66 -9.26 9.09
C ARG A 223 -30.11 -9.65 10.47
N ALA A 224 -29.53 -8.68 11.16
CA ALA A 224 -28.98 -8.92 12.49
C ALA A 224 -30.04 -8.67 13.55
N GLY A 225 -31.24 -8.28 13.11
CA GLY A 225 -32.32 -8.02 14.04
C GLY A 225 -32.39 -6.62 14.59
N HIS A 226 -31.70 -5.68 13.95
CA HIS A 226 -31.68 -4.30 14.41
C HIS A 226 -31.78 -3.32 13.24
N PRO A 227 -32.93 -3.32 12.55
CA PRO A 227 -33.14 -2.44 11.40
C PRO A 227 -33.10 -0.96 11.77
N GLU A 228 -33.27 -0.66 13.05
CA GLU A 228 -33.26 0.71 13.52
C GLU A 228 -31.85 1.31 13.59
N TRP A 229 -30.83 0.44 13.57
CA TRP A 229 -29.44 0.91 13.62
C TRP A 229 -29.06 1.80 12.45
N GLU A 230 -28.34 2.88 12.76
CA GLU A 230 -27.92 3.85 11.74
C GLU A 230 -26.40 4.00 11.70
N LEU A 231 -25.89 4.63 10.64
CA LEU A 231 -24.46 4.87 10.49
C LEU A 231 -24.04 5.81 11.61
N PRO A 232 -22.75 5.80 11.98
CA PRO A 232 -22.25 6.66 13.06
C PRO A 232 -22.59 8.14 12.88
N ASP A 233 -23.16 8.74 13.93
CA ASP A 233 -23.52 10.14 13.87
C ASP A 233 -22.83 10.91 14.99
N ASP A 234 -21.98 10.24 15.75
CA ASP A 234 -21.27 10.89 16.85
C ASP A 234 -19.76 10.67 16.79
N ALA A 235 -19.24 10.44 15.58
CA ALA A 235 -17.82 10.19 15.38
C ALA A 235 -16.97 11.44 15.21
N GLY A 236 -17.61 12.61 15.16
CA GLY A 236 -16.86 13.85 15.03
C GLY A 236 -16.48 14.27 13.62
N LYS A 237 -15.47 15.12 13.52
CA LYS A 237 -14.99 15.65 12.25
C LYS A 237 -13.51 15.31 12.02
N TYR A 238 -13.07 15.42 10.77
CA TYR A 238 -11.69 15.12 10.37
C TYR A 238 -10.58 15.49 11.35
N ASN A 239 -10.60 16.73 11.82
CA ASN A 239 -9.56 17.21 12.72
C ASN A 239 -9.85 17.11 14.20
N ASP A 240 -10.83 16.30 14.58
CA ASP A 240 -11.14 16.14 15.98
C ASP A 240 -10.15 15.23 16.68
N VAL A 241 -10.29 15.19 18.00
CA VAL A 241 -9.45 14.35 18.85
C VAL A 241 -10.45 13.33 19.41
N PRO A 242 -10.03 12.07 19.59
CA PRO A 242 -10.92 11.04 20.12
C PRO A 242 -11.77 11.33 21.36
N GLU A 243 -11.18 11.95 22.38
CA GLU A 243 -11.93 12.23 23.59
C GLU A 243 -13.08 13.22 23.41
N SER A 244 -13.04 14.03 22.36
CA SER A 244 -14.12 15.01 22.16
C SER A 244 -15.26 14.46 21.31
N THR A 245 -15.31 13.14 21.14
CA THR A 245 -16.36 12.52 20.35
C THR A 245 -17.08 11.46 21.15
N GLY A 246 -18.35 11.25 20.85
CA GLY A 246 -19.13 10.25 21.55
C GLY A 246 -18.79 8.84 21.13
N PHE A 247 -18.36 8.66 19.89
CA PHE A 247 -18.03 7.34 19.34
C PHE A 247 -16.71 6.74 19.85
N PHE A 248 -15.68 7.57 19.97
CA PHE A 248 -14.35 7.11 20.39
C PHE A 248 -13.96 7.38 21.84
N LYS A 249 -14.83 7.98 22.63
CA LYS A 249 -14.45 8.25 24.01
C LYS A 249 -14.54 6.97 24.84
N SER A 250 -14.02 7.04 26.06
CA SER A 250 -14.06 5.91 26.99
C SER A 250 -15.51 5.45 27.15
N ASN A 251 -15.75 4.15 27.02
CA ASN A 251 -17.10 3.60 27.14
C ASN A 251 -18.01 4.18 26.05
N GLY A 252 -17.40 4.72 25.00
CA GLY A 252 -18.16 5.29 23.92
C GLY A 252 -18.87 4.30 23.01
N THR A 253 -19.41 4.81 21.91
CA THR A 253 -20.13 3.98 20.95
C THR A 253 -19.33 2.83 20.36
N TYR A 254 -18.05 3.05 20.06
CA TYR A 254 -17.24 1.99 19.46
C TYR A 254 -17.17 0.71 20.26
N VAL A 255 -17.54 0.78 21.53
CA VAL A 255 -17.49 -0.39 22.42
C VAL A 255 -18.84 -1.10 22.56
N THR A 256 -19.90 -0.48 22.04
CA THR A 256 -21.24 -1.05 22.09
C THR A 256 -21.45 -2.08 20.98
N GLU A 257 -22.51 -2.87 21.12
CA GLU A 257 -22.84 -3.90 20.13
C GLU A 257 -23.05 -3.24 18.77
N LYS A 258 -23.73 -2.10 18.78
CA LYS A 258 -23.99 -1.34 17.57
C LYS A 258 -22.66 -0.95 16.93
N GLY A 259 -21.78 -0.37 17.74
CA GLY A 259 -20.49 0.07 17.25
C GLY A 259 -19.59 -1.05 16.73
N LYS A 260 -19.53 -2.16 17.45
CA LYS A 260 -18.71 -3.29 17.05
C LYS A 260 -19.23 -3.93 15.78
N PHE A 261 -20.55 -3.88 15.57
CA PHE A 261 -21.14 -4.45 14.37
C PHE A 261 -20.74 -3.59 13.18
N PHE A 262 -20.87 -2.27 13.35
CA PHE A 262 -20.50 -1.34 12.29
C PHE A 262 -19.04 -1.50 11.92
N LEU A 263 -18.17 -1.47 12.93
CA LEU A 263 -16.74 -1.59 12.70
C LEU A 263 -16.33 -2.88 12.01
N THR A 264 -17.00 -3.98 12.33
CA THR A 264 -16.67 -5.25 11.70
C THR A 264 -17.10 -5.15 10.24
N TRP A 265 -18.32 -4.65 10.03
CA TRP A 265 -18.88 -4.47 8.69
C TRP A 265 -17.98 -3.59 7.83
N TYR A 266 -17.62 -2.43 8.37
CA TYR A 266 -16.80 -1.44 7.70
C TYR A 266 -15.45 -2.03 7.27
N SER A 267 -14.77 -2.72 8.19
CA SER A 267 -13.47 -3.31 7.87
C SER A 267 -13.56 -4.56 6.97
N ASN A 268 -14.63 -5.35 7.12
CA ASN A 268 -14.82 -6.55 6.29
C ASN A 268 -14.95 -6.18 4.81
N LYS A 269 -15.56 -5.03 4.52
CA LYS A 269 -15.73 -4.58 3.13
C LYS A 269 -14.38 -4.44 2.44
N LEU A 270 -13.37 -3.99 3.18
CA LEU A 270 -12.02 -3.83 2.62
C LEU A 270 -11.37 -5.17 2.36
N LEU A 271 -11.57 -6.11 3.29
CA LEU A 271 -10.99 -7.44 3.12
C LEU A 271 -11.54 -8.07 1.85
N ASN A 272 -12.85 -8.00 1.66
CA ASN A 272 -13.48 -8.57 0.47
C ASN A 272 -13.10 -7.83 -0.80
N HIS A 273 -13.03 -6.51 -0.72
CA HIS A 273 -12.63 -5.67 -1.86
C HIS A 273 -11.26 -6.17 -2.33
N GLY A 274 -10.33 -6.31 -1.37
CA GLY A 274 -9.00 -6.75 -1.71
C GLY A 274 -8.96 -8.17 -2.25
N ASP A 275 -9.70 -9.08 -1.60
CA ASP A 275 -9.75 -10.49 -1.99
C ASP A 275 -10.28 -10.71 -3.42
N GLN A 276 -11.37 -10.03 -3.77
CA GLN A 276 -11.96 -10.17 -5.10
C GLN A 276 -11.07 -9.62 -6.21
N ILE A 277 -10.48 -8.45 -6.00
CA ILE A 277 -9.62 -7.87 -7.03
C ILE A 277 -8.32 -8.66 -7.19
N LEU A 278 -7.80 -9.19 -6.09
CA LEU A 278 -6.58 -9.99 -6.14
C LEU A 278 -6.88 -11.26 -6.96
N ASP A 279 -8.12 -11.72 -6.88
CA ASP A 279 -8.55 -12.90 -7.65
C ASP A 279 -8.42 -12.61 -9.14
N GLU A 280 -8.87 -11.44 -9.56
CA GLU A 280 -8.79 -11.03 -10.95
C GLU A 280 -7.33 -10.84 -11.37
N ALA A 281 -6.52 -10.32 -10.45
CA ALA A 281 -5.10 -10.11 -10.72
C ALA A 281 -4.38 -11.44 -10.94
N ASN A 282 -4.73 -12.43 -10.13
CA ASN A 282 -4.11 -13.74 -10.23
C ASN A 282 -4.40 -14.34 -11.61
N LYS A 283 -5.65 -14.21 -12.06
CA LYS A 283 -6.06 -14.73 -13.36
C LYS A 283 -5.36 -14.03 -14.51
N ALA A 284 -5.20 -12.71 -14.40
CA ALA A 284 -4.57 -11.93 -15.46
C ALA A 284 -3.09 -12.18 -15.66
N PHE A 285 -2.38 -12.50 -14.58
CA PHE A 285 -0.93 -12.73 -14.66
C PHE A 285 -0.53 -14.18 -14.47
N LEU A 286 -1.53 -15.08 -14.47
CA LEU A 286 -1.28 -16.50 -14.28
C LEU A 286 -0.17 -16.96 -15.23
N GLY A 287 0.77 -17.76 -14.72
CA GLY A 287 1.84 -18.25 -15.56
C GLY A 287 3.07 -17.36 -15.69
N CYS A 288 2.92 -16.07 -15.39
CA CYS A 288 4.04 -15.14 -15.49
C CYS A 288 4.95 -15.24 -14.27
N LYS A 289 6.25 -14.96 -14.46
CA LYS A 289 7.23 -15.01 -13.38
C LYS A 289 7.22 -13.68 -12.64
N VAL A 290 6.22 -13.51 -11.79
CA VAL A 290 6.06 -12.29 -11.02
C VAL A 290 5.29 -12.60 -9.76
N LYS A 291 5.38 -11.72 -8.78
CA LYS A 291 4.66 -11.91 -7.53
C LYS A 291 3.65 -10.77 -7.42
N LEU A 292 2.56 -11.02 -6.70
CA LEU A 292 1.52 -10.00 -6.50
C LEU A 292 1.77 -9.35 -5.15
N ALA A 293 1.35 -8.08 -5.02
CA ALA A 293 1.55 -7.35 -3.77
C ALA A 293 0.53 -6.24 -3.58
N ILE A 294 0.30 -5.87 -2.32
CA ILE A 294 -0.62 -4.78 -2.03
C ILE A 294 0.05 -3.89 -1.01
N LYS A 295 -0.50 -2.69 -0.82
CA LYS A 295 0.08 -1.76 0.12
C LYS A 295 -0.89 -1.48 1.27
N VAL A 296 -0.38 -1.53 2.49
CA VAL A 296 -1.18 -1.25 3.68
C VAL A 296 -0.61 0.04 4.27
N SER A 297 -1.47 0.99 4.58
CA SER A 297 -1.03 2.27 5.12
C SER A 297 -0.61 2.17 6.59
N GLY A 298 0.39 2.96 6.97
CA GLY A 298 0.87 2.95 8.34
C GLY A 298 0.27 4.13 9.09
N ILE A 299 -0.80 3.88 9.84
CA ILE A 299 -1.47 4.94 10.59
C ILE A 299 -1.06 4.82 12.05
N HIS A 300 0.04 5.50 12.37
CA HIS A 300 0.61 5.47 13.70
C HIS A 300 0.02 6.42 14.73
N TRP A 301 -0.69 7.46 14.29
CA TRP A 301 -1.27 8.39 15.25
C TRP A 301 -2.51 7.82 15.95
N TRP A 302 -2.52 7.96 17.28
CA TRP A 302 -3.57 7.48 18.17
C TRP A 302 -3.42 5.97 18.43
N TYR A 303 -2.35 5.40 17.91
CA TYR A 303 -2.07 3.98 18.09
C TYR A 303 -1.84 3.66 19.57
N LYS A 304 -1.36 4.65 20.32
CA LYS A 304 -1.09 4.47 21.74
C LYS A 304 -2.23 4.66 22.72
N VAL A 305 -3.45 4.86 22.21
CA VAL A 305 -4.62 4.99 23.08
C VAL A 305 -5.55 3.82 22.74
N GLU A 306 -6.43 3.47 23.67
CA GLU A 306 -7.35 2.35 23.47
C GLU A 306 -8.22 2.35 22.23
N ASN A 307 -8.68 3.52 21.80
CA ASN A 307 -9.58 3.60 20.65
C ASN A 307 -8.96 3.47 19.26
N HIS A 308 -7.65 3.69 19.14
CA HIS A 308 -6.97 3.59 17.83
C HIS A 308 -7.86 4.26 16.77
N ALA A 309 -8.36 5.44 17.10
CA ALA A 309 -9.27 6.19 16.22
C ALA A 309 -8.91 6.34 14.74
N ALA A 310 -7.69 6.78 14.45
CA ALA A 310 -7.29 6.97 13.06
C ALA A 310 -7.30 5.66 12.29
N GLU A 311 -6.85 4.59 12.93
CA GLU A 311 -6.85 3.28 12.28
C GLU A 311 -8.29 2.86 11.94
N LEU A 312 -9.19 2.95 12.92
CA LEU A 312 -10.58 2.57 12.67
C LEU A 312 -11.26 3.33 11.52
N THR A 313 -11.14 4.65 11.50
CA THR A 313 -11.77 5.41 10.42
C THR A 313 -11.18 5.07 9.05
N ALA A 314 -9.94 4.59 9.03
CA ALA A 314 -9.26 4.22 7.79
C ALA A 314 -9.67 2.82 7.32
N GLY A 315 -10.30 2.05 8.20
CA GLY A 315 -10.73 0.72 7.82
C GLY A 315 -9.98 -0.43 8.46
N TYR A 316 -9.00 -0.12 9.32
CA TYR A 316 -8.23 -1.15 10.02
C TYR A 316 -8.81 -1.29 11.42
N TYR A 317 -9.66 -2.29 11.62
CA TYR A 317 -10.30 -2.52 12.92
C TYR A 317 -9.28 -3.15 13.87
N ASN A 318 -8.32 -2.34 14.31
CA ASN A 318 -7.25 -2.79 15.20
C ASN A 318 -7.33 -2.12 16.57
N LEU A 319 -7.47 -2.95 17.61
CA LEU A 319 -7.53 -2.47 18.99
C LEU A 319 -6.48 -3.25 19.77
N ASN A 320 -6.31 -2.95 21.05
CA ASN A 320 -5.32 -3.69 21.83
C ASN A 320 -5.71 -5.14 22.02
N ASP A 321 -7.00 -5.43 21.94
CA ASP A 321 -7.48 -6.80 22.10
C ASP A 321 -8.01 -7.39 20.80
N ARG A 322 -7.79 -6.70 19.68
CA ARG A 322 -8.25 -7.20 18.39
C ARG A 322 -7.25 -6.83 17.30
N ASP A 323 -6.57 -7.83 16.74
CA ASP A 323 -5.59 -7.59 15.70
C ASP A 323 -6.30 -7.37 14.36
N GLY A 324 -6.32 -6.12 13.89
CA GLY A 324 -6.99 -5.81 12.64
C GLY A 324 -6.11 -5.89 11.41
N TYR A 325 -4.87 -6.37 11.58
CA TYR A 325 -3.94 -6.49 10.46
C TYR A 325 -3.65 -7.93 10.05
N ARG A 326 -3.55 -8.84 11.03
CA ARG A 326 -3.25 -10.22 10.70
C ARG A 326 -4.30 -10.84 9.78
N PRO A 327 -5.59 -10.46 9.91
CA PRO A 327 -6.54 -11.09 8.98
C PRO A 327 -6.28 -10.68 7.53
N ILE A 328 -5.65 -9.52 7.33
CA ILE A 328 -5.31 -9.08 5.97
C ILE A 328 -4.17 -9.98 5.49
N ALA A 329 -3.23 -10.27 6.38
CA ALA A 329 -2.11 -11.15 6.04
C ALA A 329 -2.61 -12.54 5.65
N ARG A 330 -3.56 -13.07 6.42
CA ARG A 330 -4.11 -14.38 6.11
C ARG A 330 -4.80 -14.37 4.75
N MET A 331 -5.54 -13.30 4.45
CA MET A 331 -6.22 -13.20 3.16
C MET A 331 -5.19 -13.23 2.02
N LEU A 332 -4.06 -12.57 2.23
CA LEU A 332 -3.01 -12.54 1.22
C LEU A 332 -2.36 -13.89 0.97
N SER A 333 -2.36 -14.76 1.98
CA SER A 333 -1.75 -16.08 1.84
C SER A 333 -2.35 -16.95 0.73
N ARG A 334 -3.67 -16.89 0.52
CA ARG A 334 -4.27 -17.73 -0.52
C ARG A 334 -3.80 -17.28 -1.90
N HIS A 335 -3.42 -16.02 -2.00
CA HIS A 335 -2.94 -15.46 -3.25
C HIS A 335 -1.42 -15.48 -3.34
N HIS A 336 -0.76 -15.96 -2.28
CA HIS A 336 0.71 -16.00 -2.22
C HIS A 336 1.26 -14.61 -2.49
N ALA A 337 0.58 -13.59 -1.94
CA ALA A 337 0.97 -12.22 -2.15
C ALA A 337 1.83 -11.62 -1.04
N ILE A 338 2.48 -10.51 -1.39
CA ILE A 338 3.36 -9.77 -0.51
C ILE A 338 2.63 -8.63 0.19
N LEU A 339 2.87 -8.46 1.49
CA LEU A 339 2.24 -7.37 2.23
C LEU A 339 3.31 -6.29 2.37
N ASN A 340 3.06 -5.14 1.75
CA ASN A 340 3.99 -4.01 1.79
C ASN A 340 3.47 -2.98 2.79
N PHE A 341 4.27 -2.68 3.82
N PHE A 341 4.23 -2.78 3.87
CA PHE A 341 3.86 -1.67 4.82
CA PHE A 341 3.85 -1.84 4.91
C PHE A 341 4.59 -0.36 4.45
C PHE A 341 4.77 -0.63 4.85
N THR A 342 3.82 0.69 4.19
N THR A 342 4.36 0.48 5.42
CA THR A 342 4.38 1.98 3.76
CA THR A 342 5.19 1.68 5.40
C THR A 342 4.86 2.99 4.81
C THR A 342 5.60 2.12 6.80
N CYS A 343 5.50 2.54 5.89
N CYS A 343 6.09 3.36 6.91
CA CYS A 343 5.98 3.46 6.92
CA CYS A 343 6.55 3.90 8.19
C CYS A 343 6.91 2.72 7.90
C CYS A 343 7.79 3.13 8.64
N LEU A 344 8.19 2.61 7.54
N LEU A 344 8.43 2.49 7.66
CA LEU A 344 9.16 1.91 8.38
CA LEU A 344 9.64 1.72 7.89
C LEU A 344 10.29 2.74 9.01
C LEU A 344 10.77 2.56 8.45
N GLU A 345 10.62 3.87 8.40
CA GLU A 345 11.69 4.74 8.89
C GLU A 345 11.45 5.57 10.15
N MET A 346 10.20 5.68 10.59
CA MET A 346 9.89 6.51 11.75
C MET A 346 10.24 5.96 13.13
N ARG A 347 10.57 6.87 14.03
CA ARG A 347 10.86 6.54 15.41
C ARG A 347 9.84 7.27 16.28
N ASP A 348 9.43 6.65 17.38
CA ASP A 348 8.43 7.24 18.26
C ASP A 348 8.78 8.67 18.71
N SER A 349 10.03 8.88 19.08
CA SER A 349 10.51 10.18 19.55
C SER A 349 10.47 11.31 18.53
N GLU A 350 10.14 11.00 17.28
CA GLU A 350 10.09 12.02 16.24
C GLU A 350 8.68 12.58 16.07
N GLN A 351 7.73 12.04 16.81
CA GLN A 351 6.34 12.49 16.71
C GLN A 351 5.93 13.41 17.85
N PRO A 352 5.10 14.42 17.56
CA PRO A 352 4.70 15.30 18.67
C PRO A 352 4.00 14.42 19.72
N SER A 353 4.27 14.69 20.98
CA SER A 353 3.70 13.91 22.07
C SER A 353 2.19 13.82 22.09
N ASP A 354 1.52 14.87 21.62
CA ASP A 354 0.06 14.90 21.63
C ASP A 354 -0.59 14.06 20.54
N ALA A 355 0.21 13.47 19.65
CA ALA A 355 -0.33 12.64 18.58
C ALA A 355 -0.51 11.20 19.05
N LYS A 356 0.12 10.87 20.18
CA LYS A 356 0.04 9.52 20.73
C LYS A 356 0.45 8.49 19.68
N SER A 357 1.56 8.75 19.00
CA SER A 357 2.05 7.87 17.94
C SER A 357 2.96 6.76 18.43
N GLY A 358 2.83 5.61 17.77
CA GLY A 358 3.66 4.46 18.09
C GLY A 358 4.04 3.74 16.81
N PRO A 359 4.67 4.46 15.85
CA PRO A 359 5.07 3.85 14.59
C PRO A 359 5.97 2.63 14.74
N GLN A 360 6.84 2.66 15.76
CA GLN A 360 7.74 1.54 16.01
C GLN A 360 6.97 0.29 16.43
N GLU A 361 6.02 0.45 17.34
CA GLU A 361 5.22 -0.68 17.82
C GLU A 361 4.30 -1.20 16.71
N LEU A 362 3.76 -0.28 15.92
CA LEU A 362 2.86 -0.62 14.80
C LEU A 362 3.62 -1.50 13.80
N VAL A 363 4.85 -1.10 13.46
CA VAL A 363 5.66 -1.86 12.51
C VAL A 363 5.90 -3.28 13.00
N GLN A 364 6.22 -3.42 14.28
CA GLN A 364 6.48 -4.73 14.86
C GLN A 364 5.23 -5.61 14.84
N GLN A 365 4.08 -5.00 15.10
CA GLN A 365 2.82 -5.75 15.10
C GLN A 365 2.52 -6.29 13.70
N VAL A 366 2.51 -5.38 12.72
CA VAL A 366 2.22 -5.75 11.34
C VAL A 366 3.21 -6.75 10.72
N LEU A 367 4.51 -6.50 10.85
CA LEU A 367 5.50 -7.43 10.28
C LEU A 367 5.42 -8.82 10.94
N SER A 368 5.28 -8.84 12.25
CA SER A 368 5.18 -10.10 13.00
C SER A 368 3.96 -10.87 12.53
N GLY A 369 2.85 -10.17 12.34
CA GLY A 369 1.64 -10.82 11.88
C GLY A 369 1.85 -11.49 10.53
N GLY A 370 2.58 -10.81 9.66
CA GLY A 370 2.84 -11.36 8.34
C GLY A 370 3.67 -12.62 8.42
N TRP A 371 4.78 -12.56 9.14
CA TRP A 371 5.65 -13.72 9.27
C TRP A 371 4.93 -14.85 10.00
N ARG A 372 4.01 -14.47 10.89
CA ARG A 372 3.23 -15.44 11.65
C ARG A 372 2.37 -16.27 10.68
N GLU A 373 1.75 -15.59 9.72
CA GLU A 373 0.90 -16.22 8.71
C GLU A 373 1.71 -16.82 7.58
N ASP A 374 3.03 -16.66 7.67
CA ASP A 374 3.95 -17.18 6.67
C ASP A 374 3.81 -16.60 5.26
N ILE A 375 3.77 -15.27 5.17
CA ILE A 375 3.71 -14.61 3.87
C ILE A 375 4.92 -13.69 3.84
N ARG A 376 5.28 -13.19 2.66
CA ARG A 376 6.43 -12.30 2.55
C ARG A 376 6.00 -10.86 2.85
N VAL A 377 6.86 -10.13 3.56
CA VAL A 377 6.57 -8.75 3.93
C VAL A 377 7.61 -7.78 3.35
N ALA A 378 7.13 -6.71 2.72
CA ALA A 378 8.00 -5.68 2.15
C ALA A 378 7.62 -4.33 2.73
N GLY A 379 8.37 -3.28 2.38
CA GLY A 379 8.05 -1.97 2.92
C GLY A 379 8.69 -0.77 2.23
N GLU A 380 8.25 0.42 2.65
CA GLU A 380 8.76 1.69 2.12
C GLU A 380 8.78 2.71 3.24
N ASN A 381 9.54 3.78 3.05
CA ASN A 381 9.59 4.85 4.02
C ASN A 381 8.38 5.71 3.68
N ALA A 382 7.75 6.28 4.70
CA ALA A 382 6.57 7.12 4.49
C ALA A 382 6.91 8.51 3.99
N LEU A 383 7.92 9.13 4.58
CA LEU A 383 8.31 10.49 4.20
C LEU A 383 9.75 10.57 3.70
N PRO A 384 10.05 11.57 2.86
CA PRO A 384 11.42 11.74 2.33
C PRO A 384 12.42 11.91 3.47
N ARG A 385 13.41 11.04 3.53
CA ARG A 385 14.45 11.10 4.56
C ARG A 385 15.81 10.86 3.90
N TYR A 386 16.83 11.58 4.36
CA TYR A 386 18.18 11.46 3.80
C TYR A 386 19.24 11.25 4.86
N ASP A 387 18.83 11.28 6.13
CA ASP A 387 19.75 11.13 7.25
C ASP A 387 20.00 9.68 7.67
N ALA A 388 21.13 9.47 8.34
CA ALA A 388 21.52 8.15 8.80
C ALA A 388 20.55 7.48 9.77
N THR A 389 20.01 8.24 10.72
CA THR A 389 19.10 7.63 11.69
C THR A 389 17.87 7.03 11.03
N ALA A 390 17.44 7.61 9.91
CA ALA A 390 16.29 7.10 9.19
C ALA A 390 16.71 5.80 8.53
N TYR A 391 17.82 5.84 7.80
CA TYR A 391 18.34 4.66 7.12
C TYR A 391 18.62 3.53 8.11
N ASN A 392 19.12 3.89 9.30
CA ASN A 392 19.41 2.86 10.29
C ASN A 392 18.13 2.24 10.86
N GLN A 393 17.05 3.01 10.90
CA GLN A 393 15.80 2.48 11.42
C GLN A 393 15.22 1.51 10.39
N ILE A 394 15.39 1.82 9.10
CA ILE A 394 14.89 0.96 8.04
C ILE A 394 15.67 -0.35 8.05
N ILE A 395 17.00 -0.26 8.23
CA ILE A 395 17.84 -1.44 8.27
C ILE A 395 17.49 -2.32 9.46
N LEU A 396 17.06 -1.71 10.56
CA LEU A 396 16.69 -2.50 11.74
C LEU A 396 15.43 -3.34 11.45
N ASN A 397 14.40 -2.70 10.90
CA ASN A 397 13.16 -3.40 10.59
C ASN A 397 13.34 -4.46 9.49
N ALA A 398 14.36 -4.29 8.66
CA ALA A 398 14.63 -5.23 7.56
C ALA A 398 15.16 -6.58 8.06
N ARG A 399 15.88 -6.53 9.18
CA ARG A 399 16.42 -7.73 9.81
C ARG A 399 16.37 -7.44 11.30
N PRO A 400 15.16 -7.53 11.89
CA PRO A 400 14.88 -7.29 13.30
C PRO A 400 15.85 -7.89 14.30
N GLN A 401 16.37 -9.07 14.00
CA GLN A 401 17.30 -9.72 14.91
C GLN A 401 18.75 -9.79 14.37
N GLY A 402 19.08 -8.87 13.46
CA GLY A 402 20.42 -8.83 12.91
C GLY A 402 20.73 -9.86 11.83
N VAL A 403 21.98 -9.89 11.37
CA VAL A 403 22.38 -10.83 10.34
C VAL A 403 22.81 -12.14 10.98
N ASN A 404 22.76 -13.22 10.21
CA ASN A 404 23.17 -14.52 10.69
C ASN A 404 24.40 -14.97 9.92
N ASN A 405 25.43 -15.40 10.63
CA ASN A 405 26.67 -15.84 10.01
C ASN A 405 26.61 -17.33 9.66
N ASN A 406 25.63 -18.03 10.22
CA ASN A 406 25.46 -19.46 10.00
C ASN A 406 24.53 -19.77 8.84
N GLY A 407 23.80 -18.77 8.36
CA GLY A 407 22.88 -18.98 7.27
C GLY A 407 21.95 -17.80 7.09
N PRO A 408 20.69 -18.04 6.69
CA PRO A 408 19.76 -16.94 6.50
C PRO A 408 19.29 -16.40 7.85
N PRO A 409 18.85 -15.14 7.91
CA PRO A 409 18.38 -14.57 9.18
C PRO A 409 17.11 -15.31 9.57
N LYS A 410 16.78 -15.40 10.86
CA LYS A 410 15.55 -16.09 11.22
C LYS A 410 14.38 -15.25 10.73
N LEU A 411 14.58 -13.94 10.71
CA LEU A 411 13.56 -12.99 10.26
C LEU A 411 14.13 -11.93 9.34
N SER A 412 13.46 -11.70 8.21
CA SER A 412 13.92 -10.68 7.27
C SER A 412 12.80 -10.26 6.32
N MET A 413 12.83 -8.98 5.93
CA MET A 413 11.84 -8.47 5.00
C MET A 413 12.22 -8.91 3.60
N PHE A 414 11.22 -9.02 2.72
CA PHE A 414 11.44 -9.45 1.34
C PHE A 414 12.08 -8.36 0.48
N GLY A 415 11.92 -7.11 0.90
CA GLY A 415 12.49 -6.00 0.16
C GLY A 415 11.99 -4.66 0.68
N VAL A 416 12.68 -3.59 0.31
CA VAL A 416 12.31 -2.25 0.73
C VAL A 416 12.39 -1.30 -0.47
N THR A 417 11.34 -0.50 -0.66
CA THR A 417 11.30 0.45 -1.75
C THR A 417 11.46 1.86 -1.17
N TYR A 418 12.45 2.58 -1.67
CA TYR A 418 12.74 3.93 -1.17
C TYR A 418 12.01 5.04 -1.92
N LEU A 419 11.42 5.94 -1.15
CA LEU A 419 10.71 7.08 -1.71
C LEU A 419 11.56 8.31 -1.41
N ARG A 420 11.98 9.05 -2.44
CA ARG A 420 11.68 8.79 -3.84
C ARG A 420 12.89 9.29 -4.63
N LEU A 421 12.92 9.05 -5.94
CA LEU A 421 14.03 9.53 -6.76
C LEU A 421 13.81 11.02 -6.98
N SER A 422 14.81 11.83 -6.64
CA SER A 422 14.74 13.28 -6.82
C SER A 422 16.16 13.85 -6.87
N ASP A 423 16.27 15.13 -7.21
CA ASP A 423 17.58 15.77 -7.27
C ASP A 423 18.24 15.88 -5.90
N ASP A 424 17.43 15.95 -4.85
CA ASP A 424 17.96 16.04 -3.51
C ASP A 424 18.73 14.76 -3.15
N LEU A 425 18.21 13.62 -3.57
CA LEU A 425 18.85 12.33 -3.29
C LEU A 425 20.21 12.25 -3.98
N LEU A 426 20.29 12.75 -5.21
CA LEU A 426 21.51 12.73 -5.98
C LEU A 426 22.55 13.77 -5.56
N GLN A 427 22.15 14.68 -4.67
CA GLN A 427 23.06 15.71 -4.15
C GLN A 427 24.23 14.92 -3.55
N LYS A 428 25.46 15.35 -3.81
CA LYS A 428 26.67 14.66 -3.36
C LYS A 428 26.64 14.03 -1.95
N SER A 429 26.42 14.82 -0.92
CA SER A 429 26.40 14.27 0.43
C SER A 429 25.26 13.31 0.69
N ASN A 430 24.07 13.64 0.21
CA ASN A 430 22.92 12.77 0.42
C ASN A 430 23.13 11.42 -0.27
N PHE A 431 23.52 11.44 -1.54
CA PHE A 431 23.76 10.21 -2.28
C PHE A 431 24.86 9.39 -1.62
N ASN A 432 25.83 10.06 -1.00
CA ASN A 432 26.92 9.39 -0.33
C ASN A 432 26.41 8.50 0.81
N ILE A 433 25.44 9.02 1.56
CA ILE A 433 24.87 8.28 2.67
C ILE A 433 23.99 7.15 2.15
N PHE A 434 23.26 7.43 1.08
CA PHE A 434 22.37 6.46 0.44
C PHE A 434 23.14 5.20 0.00
N LYS A 435 24.33 5.41 -0.55
CA LYS A 435 25.17 4.31 -1.01
C LYS A 435 25.57 3.40 0.13
N LYS A 436 25.74 3.95 1.33
CA LYS A 436 26.10 3.14 2.48
C LYS A 436 24.86 2.38 2.94
N PHE A 437 23.70 2.99 2.78
CA PHE A 437 22.43 2.37 3.13
C PHE A 437 22.24 1.12 2.28
N VAL A 438 22.42 1.26 0.98
CA VAL A 438 22.27 0.15 0.06
C VAL A 438 23.25 -0.96 0.44
N LEU A 439 24.49 -0.58 0.75
CA LEU A 439 25.50 -1.56 1.12
C LEU A 439 25.09 -2.36 2.36
N LYS A 440 24.52 -1.68 3.35
CA LYS A 440 24.12 -2.37 4.57
C LYS A 440 22.88 -3.24 4.37
N MET A 441 21.99 -2.83 3.48
CA MET A 441 20.80 -3.63 3.19
C MET A 441 21.30 -4.92 2.56
N HIS A 442 22.33 -4.78 1.75
CA HIS A 442 22.94 -5.92 1.06
C HIS A 442 23.89 -6.70 1.98
N ALA A 443 23.94 -6.30 3.25
CA ALA A 443 24.78 -6.96 4.24
C ALA A 443 26.26 -6.94 3.88
N ASP A 444 26.75 -5.77 3.48
CA ASP A 444 28.15 -5.57 3.09
C ASP A 444 28.60 -6.32 1.84
N GLN A 445 27.65 -6.86 1.10
CA GLN A 445 27.99 -7.59 -0.12
C GLN A 445 27.76 -6.69 -1.32
N ASP A 446 28.53 -6.94 -2.38
CA ASP A 446 28.36 -6.17 -3.60
C ASP A 446 26.99 -6.47 -4.18
N TYR A 447 26.53 -5.60 -5.06
CA TYR A 447 25.26 -5.77 -5.74
C TYR A 447 25.26 -7.18 -6.33
N CYS A 448 24.13 -7.87 -6.25
CA CYS A 448 24.02 -9.23 -6.77
C CYS A 448 22.89 -9.32 -7.80
N ALA A 449 23.28 -9.42 -9.07
CA ALA A 449 22.32 -9.48 -10.18
C ALA A 449 21.37 -10.68 -10.25
N ASN A 450 21.79 -11.84 -9.76
CA ASN A 450 20.95 -13.03 -9.79
C ASN A 450 20.24 -13.23 -8.46
N PRO A 451 18.92 -12.95 -8.42
CA PRO A 451 18.10 -13.07 -7.22
C PRO A 451 18.13 -14.46 -6.60
N GLN A 452 18.39 -15.47 -7.44
CA GLN A 452 18.44 -16.84 -6.97
C GLN A 452 19.56 -17.05 -5.95
N LYS A 453 20.69 -16.37 -6.14
CA LYS A 453 21.82 -16.49 -5.22
C LYS A 453 21.43 -16.17 -3.79
N TYR A 454 20.50 -15.24 -3.60
CA TYR A 454 20.08 -14.91 -2.25
C TYR A 454 18.65 -15.36 -1.94
N ASN A 455 18.29 -16.52 -2.50
CA ASN A 455 16.99 -17.15 -2.31
C ASN A 455 15.78 -16.28 -2.64
N HIS A 456 15.85 -15.57 -3.75
CA HIS A 456 14.76 -14.71 -4.19
C HIS A 456 14.33 -15.06 -5.61
N ALA A 457 14.43 -16.33 -5.98
CA ALA A 457 14.05 -16.73 -7.33
C ALA A 457 12.53 -16.62 -7.49
N ILE A 458 12.08 -16.23 -8.68
CA ILE A 458 10.66 -16.11 -8.94
C ILE A 458 10.16 -17.20 -9.87
N THR A 459 9.15 -17.92 -9.42
CA THR A 459 8.57 -19.01 -10.21
C THR A 459 7.28 -18.53 -10.84
N PRO A 460 6.80 -19.24 -11.87
CA PRO A 460 5.55 -18.86 -12.54
C PRO A 460 4.41 -18.75 -11.53
N LEU A 461 3.63 -17.68 -11.63
CA LEU A 461 2.50 -17.45 -10.73
C LEU A 461 1.48 -18.58 -10.87
N LYS A 462 1.11 -19.19 -9.75
CA LYS A 462 0.15 -20.28 -9.74
C LYS A 462 -1.23 -19.74 -9.42
N PRO A 463 -2.30 -20.49 -9.74
CA PRO A 463 -3.63 -19.99 -9.42
C PRO A 463 -3.78 -19.90 -7.91
N SER A 464 -4.55 -18.92 -7.45
CA SER A 464 -4.76 -18.74 -6.02
C SER A 464 -5.39 -19.96 -5.37
N ALA A 465 -5.12 -20.13 -4.08
CA ALA A 465 -5.69 -21.25 -3.34
C ALA A 465 -7.17 -20.94 -3.13
N PRO A 466 -7.96 -21.95 -2.72
CA PRO A 466 -9.39 -21.77 -2.47
C PRO A 466 -9.73 -20.56 -1.60
N LYS A 467 -10.94 -20.06 -1.77
CA LYS A 467 -11.44 -18.91 -1.03
C LYS A 467 -11.53 -19.25 0.46
N ILE A 468 -10.99 -18.38 1.31
CA ILE A 468 -11.04 -18.59 2.75
C ILE A 468 -12.27 -17.87 3.27
N PRO A 469 -13.19 -18.58 3.95
CA PRO A 469 -14.39 -17.93 4.47
C PRO A 469 -14.07 -16.82 5.48
N ILE A 470 -14.92 -15.80 5.52
CA ILE A 470 -14.72 -14.67 6.42
C ILE A 470 -14.52 -15.04 7.89
N GLU A 471 -15.25 -16.04 8.37
CA GLU A 471 -15.11 -16.46 9.77
C GLU A 471 -13.72 -16.99 10.08
N VAL A 472 -13.11 -17.67 9.11
CA VAL A 472 -11.78 -18.21 9.31
C VAL A 472 -10.74 -17.09 9.25
N LEU A 473 -11.03 -16.05 8.45
CA LEU A 473 -10.13 -14.92 8.32
C LEU A 473 -10.10 -14.16 9.65
N LEU A 474 -11.27 -13.95 10.24
CA LEU A 474 -11.40 -13.23 11.50
C LEU A 474 -10.85 -13.97 12.71
N GLU A 475 -10.43 -15.21 12.51
CA GLU A 475 -9.82 -15.98 13.60
C GLU A 475 -8.45 -15.38 13.87
N ALA A 476 -7.91 -14.72 12.85
CA ALA A 476 -6.60 -14.09 12.96
C ALA A 476 -6.62 -12.78 13.77
N THR A 477 -7.80 -12.41 14.29
CA THR A 477 -7.90 -11.20 15.08
C THR A 477 -7.39 -11.48 16.50
N LYS A 478 -7.09 -12.75 16.76
CA LYS A 478 -6.58 -13.15 18.06
C LYS A 478 -5.21 -12.52 18.29
N PRO A 479 -5.08 -11.71 19.35
CA PRO A 479 -3.82 -11.04 19.69
C PRO A 479 -2.68 -12.03 19.93
N THR A 480 -1.50 -11.70 19.42
CA THR A 480 -0.32 -12.54 19.61
C THR A 480 0.85 -11.64 19.97
N LEU A 481 1.85 -12.20 20.63
CA LEU A 481 3.03 -11.42 21.00
C LEU A 481 3.90 -11.27 19.75
N PRO A 482 4.50 -10.08 19.58
CA PRO A 482 5.35 -9.85 18.40
C PRO A 482 6.70 -10.53 18.57
N PHE A 483 7.45 -10.67 17.48
CA PHE A 483 8.77 -11.27 17.55
C PHE A 483 9.72 -10.29 18.21
N PRO A 484 10.79 -10.79 18.83
CA PRO A 484 11.79 -9.95 19.51
C PRO A 484 12.54 -9.05 18.52
N TRP A 485 12.71 -7.78 18.89
CA TRP A 485 13.41 -6.80 18.06
C TRP A 485 14.69 -6.35 18.75
N LEU A 486 15.74 -6.14 17.98
CA LEU A 486 17.00 -5.66 18.53
C LEU A 486 16.77 -4.17 18.83
N PRO A 487 17.50 -3.60 19.82
CA PRO A 487 17.32 -2.19 20.15
C PRO A 487 17.85 -1.28 19.05
N GLU A 488 18.83 -1.79 18.31
CA GLU A 488 19.44 -1.06 17.20
C GLU A 488 20.05 -2.11 16.27
N THR A 489 20.21 -1.77 15.00
CA THR A 489 20.77 -2.71 14.03
C THR A 489 22.26 -2.96 14.20
N ASP A 490 22.69 -4.15 13.81
CA ASP A 490 24.09 -4.53 13.88
C ASP A 490 24.82 -4.12 12.60
N MET A 491 24.08 -3.58 11.64
CA MET A 491 24.64 -3.13 10.36
C MET A 491 24.31 -1.64 10.17
N LYS A 492 24.90 -0.81 11.02
CA LYS A 492 24.65 0.62 10.97
C LYS A 492 25.35 1.35 9.83
N VAL A 493 24.71 2.43 9.37
CA VAL A 493 25.26 3.26 8.31
C VAL A 493 26.22 4.21 9.02
N ASP A 494 25.94 4.47 10.30
CA ASP A 494 26.70 5.34 11.19
C ASP A 494 26.06 6.70 11.41
N GLY A 495 26.41 7.68 10.57
CA GLY A 495 25.83 9.01 10.72
C GLY A 495 26.20 9.98 9.61
C2 BGC B . 4.06 7.26 1.09
C3 BGC B . 3.03 7.90 0.15
C4 BGC B . 2.89 7.03 -1.09
C5 BGC B . 2.49 5.63 -0.67
C6 BGC B . 2.27 4.68 -1.85
C1 BGC B . 3.74 5.79 1.37
O1 BGC B . 4.81 5.20 2.03
O2 BGC B . 4.09 7.97 2.32
O3 BGC B . 3.43 9.21 -0.20
O4 BGC B . 1.92 7.61 -2.00
O5 BGC B . 3.53 5.06 0.14
O6 BGC B . 3.49 4.09 -2.26
C1 GLC B . 2.79 6.45 1.86
C2 GLC B . 3.48 7.73 1.36
C3 GLC B . 2.79 8.24 0.10
C4 GLC B . 2.67 7.14 -0.96
C5 GLC B . 2.02 5.88 -0.33
C6 GLC B . 1.96 4.71 -1.29
O1 GLC B . 1.48 6.73 2.21
O2 GLC B . 3.42 8.73 2.37
O3 GLC B . 3.52 9.33 -0.44
O4 GLC B . 1.85 7.59 -2.04
O5 GLC B . 2.78 5.46 0.84
O6 GLC B . 3.25 4.36 -1.76
C2 BGC B . 1.40 8.91 -3.97
C3 BGC B . 0.67 7.76 -4.70
C4 BGC B . 1.68 6.90 -5.47
C5 BGC B . 2.80 6.42 -4.53
C6 BGC B . 3.92 5.69 -5.26
C1 BGC B . 2.48 8.33 -3.06
O2 BGC B . 0.47 9.64 -3.18
O3 BGC B . -0.29 8.31 -5.59
O4 BGC B . 1.01 5.77 -6.02
O5 BGC B . 3.40 7.53 -3.83
O6 BGC B . 4.42 6.45 -6.35
C2 BGC C . 2.89 11.53 8.95
C2 BGC C . 4.83 16.19 9.09
C3 BGC C . 2.85 10.33 8.00
C3 BGC C . 4.43 14.79 8.62
C4 BGC C . 1.59 10.38 7.12
C4 BGC C . 2.92 14.71 8.40
C5 BGC C . 1.47 11.74 6.42
C5 BGC C . 2.45 15.84 7.48
C6 BGC C . 0.16 11.87 5.67
C6 BGC C . 0.94 15.89 7.35
C1 BGC C . 2.73 12.82 8.15
C1 BGC C . 4.30 17.24 8.11
O1 BGC C . 2.68 13.90 9.03
O1 BGC C . 4.61 18.51 8.56
O2 BGC C . 4.11 11.54 9.66
O2 BGC C . 6.24 16.29 9.19
O3 BGC C . 2.87 9.12 8.75
O3 BGC C . 4.84 13.83 9.59
O4 BGC C . 1.66 9.32 6.14
O4 BGC C . 2.58 13.43 7.84
O5 BGC C . 1.51 12.81 7.39
O5 BGC C . 2.87 17.12 8.01
O6 BGC C . 0.14 13.04 4.85
O6 BGC C . 0.51 15.26 6.16
C1 GLC C . 0.57 8.44 6.15
C1 GLC C . 1.49 12.80 8.44
C2 GLC C . 1.05 7.00 6.39
C2 GLC C . 1.94 11.53 9.18
C3 GLC C . 1.72 6.44 5.14
C3 GLC C . 2.30 10.42 8.18
C4 GLC C . 0.78 6.58 3.94
C4 GLC C . 1.17 10.19 7.18
C5 GLC C . 0.40 8.04 3.77
C5 GLC C . 0.79 11.51 6.51
C6 GLC C . -0.57 8.26 2.62
C6 GLC C . -0.40 11.37 5.59
O2 GLC C . 1.97 6.97 7.48
O2 GLC C . 3.06 11.82 9.99
O3 GLC C . 2.03 5.07 5.33
O3 GLC C . 2.55 9.21 8.90
O4 GLC C . 1.41 6.10 2.77
O4 GLC C . 1.59 9.26 6.20
O5 GLC C . -0.24 8.52 4.97
O5 GLC C . 0.44 12.50 7.51
O6 GLC C . -1.67 7.36 2.71
O6 GLC C . -0.89 12.65 5.17
S SO4 D . 1.41 -16.13 21.52
O1 SO4 D . 0.36 -15.37 22.23
O2 SO4 D . 0.81 -17.32 20.89
O3 SO4 D . 2.45 -16.55 22.47
O4 SO4 D . 2.01 -15.27 20.48
S SO4 E . -2.37 -18.87 15.15
O1 SO4 E . -3.56 -17.99 15.06
O2 SO4 E . -2.29 -19.71 13.95
O3 SO4 E . -2.50 -19.74 16.34
O4 SO4 E . -1.15 -18.05 15.27
#